data_2B9J
#
_entry.id   2B9J
#
_cell.length_a   58.298
_cell.length_b   63.237
_cell.length_c   100.847
_cell.angle_alpha   90.00
_cell.angle_beta   90.00
_cell.angle_gamma   90.00
#
_symmetry.space_group_name_H-M   'P 21 21 21'
#
loop_
_entity.id
_entity.type
_entity.pdbx_description
1 polymer 'Mitogen-activated protein kinase FUS3'
2 polymer 'Cyclin-dependent kinase inhibitor FAR1'
3 non-polymer 'MAGNESIUM ION'
4 non-polymer "ADENOSINE-5'-DIPHOSPHATE"
5 water water
#
loop_
_entity_poly.entity_id
_entity_poly.type
_entity_poly.pdbx_seq_one_letter_code
_entity_poly.pdbx_strand_id
1 'polypeptide(L)'
;MPKRIVYNISSDFQLKSLLGEGAYGVVCSATHKPTGEIVAIKKIEPFDKPLFALRTLREIKILKHFKHENIITIFNIQRP
DSFENFNEVYIIQELMQTDLHRVISTQMLSDDHIQYFIYQTLRAVKVLHGSNVIHRDLKPSNLLINSNCDLKVCDFGLAR
IIDESAADNSEPTGQQSGMVEFVATRWYRAPEVMLTSAKYSRAMDVWSCGCILAELFLRRPIFPGRDYRHQLLLIFGIIG
TPHSDNDLRCIESPRAREYIKSLPMYPAAPLEKMFPRVNPKGIDLLQRMLVFDPAKRITAKEALEHPYLQTYHDPNDEPE
GEPIPPSFFEFDHYKEALTTKDLKKLIWNEIFS
;
A
2 'polypeptide(L)' SKRGNIPKPLNLS C
#
# COMPACT_ATOMS: atom_id res chain seq x y z
N MET A 1 16.28 9.52 21.42
CA MET A 1 14.98 9.43 20.69
C MET A 1 14.18 10.65 21.11
N PRO A 2 13.62 11.38 20.12
CA PRO A 2 12.84 12.58 20.40
C PRO A 2 12.06 12.52 21.72
N LYS A 3 12.53 13.29 22.70
CA LYS A 3 11.92 13.32 24.03
C LYS A 3 10.45 13.70 23.98
N ARG A 4 10.04 14.36 22.89
CA ARG A 4 8.64 14.76 22.72
C ARG A 4 7.72 13.55 22.42
N ILE A 5 8.31 12.43 22.01
CA ILE A 5 7.52 11.22 21.71
C ILE A 5 7.19 10.51 23.03
N VAL A 6 5.90 10.42 23.36
CA VAL A 6 5.47 9.76 24.59
C VAL A 6 4.50 8.61 24.28
N TYR A 7 4.78 7.42 24.82
CA TYR A 7 3.91 6.26 24.60
C TYR A 7 3.33 5.83 25.95
N ASN A 8 2.01 5.83 26.05
CA ASN A 8 1.32 5.44 27.27
C ASN A 8 1.18 3.95 27.26
N ILE A 9 2.28 3.23 27.42
CA ILE A 9 2.28 1.76 27.41
C ILE A 9 3.03 1.17 28.60
N SER A 10 2.97 -0.15 28.74
CA SER A 10 3.65 -0.84 29.84
C SER A 10 5.11 -0.43 29.98
N SER A 11 5.55 -0.25 31.22
CA SER A 11 6.94 0.11 31.51
C SER A 11 7.89 -1.02 31.12
N ASP A 12 7.34 -2.19 30.80
CA ASP A 12 8.17 -3.30 30.36
C ASP A 12 8.83 -2.94 29.00
N PHE A 13 8.26 -1.98 28.29
CA PHE A 13 8.79 -1.57 26.99
C PHE A 13 9.75 -0.38 27.15
N GLN A 14 10.76 -0.33 26.29
CA GLN A 14 11.71 0.76 26.32
C GLN A 14 11.85 1.25 24.88
N LEU A 15 11.32 2.44 24.60
CA LEU A 15 11.41 3.01 23.26
C LEU A 15 12.87 3.08 22.83
N LYS A 16 13.13 2.74 21.57
CA LYS A 16 14.47 2.78 21.01
C LYS A 16 14.56 3.93 20.00
N SER A 17 13.90 3.83 18.86
CA SER A 17 13.96 4.97 17.94
C SER A 17 12.70 5.28 17.11
N LEU A 18 12.55 6.56 16.78
CA LEU A 18 11.43 7.03 16.01
C LEU A 18 11.62 6.58 14.56
N LEU A 19 10.69 5.78 14.07
CA LEU A 19 10.78 5.27 12.71
C LEU A 19 9.85 6.02 11.74
N GLY A 20 8.79 6.58 12.29
CA GLY A 20 7.83 7.31 11.46
C GLY A 20 6.90 8.21 12.24
N GLU A 21 6.67 9.39 11.71
CA GLU A 21 5.77 10.32 12.36
C GLU A 21 4.88 11.04 11.35
N GLY A 22 3.58 10.91 11.56
CA GLY A 22 2.62 11.55 10.68
C GLY A 22 1.44 11.97 11.54
N ALA A 23 0.47 12.64 10.93
CA ALA A 23 -0.71 13.10 11.65
C ALA A 23 -1.58 11.93 12.12
N TYR A 24 -1.51 10.80 11.43
CA TYR A 24 -2.30 9.64 11.80
C TYR A 24 -1.49 8.72 12.65
N GLY A 25 -0.31 8.35 12.17
CA GLY A 25 0.47 7.42 12.95
C GLY A 25 1.88 7.81 13.29
N VAL A 26 2.39 7.21 14.36
CA VAL A 26 3.74 7.42 14.83
C VAL A 26 4.26 6.03 15.10
N VAL A 27 5.41 5.70 14.53
CA VAL A 27 5.98 4.37 14.68
C VAL A 27 7.39 4.42 15.26
N CYS A 28 7.64 3.56 16.25
CA CYS A 28 8.94 3.48 16.91
C CYS A 28 9.30 2.03 17.16
N SER A 29 10.61 1.79 17.25
CA SER A 29 11.10 0.47 17.59
C SER A 29 11.13 0.58 19.11
N ALA A 30 11.02 -0.55 19.78
CA ALA A 30 11.02 -0.54 21.22
C ALA A 30 11.47 -1.89 21.70
N THR A 31 12.10 -1.89 22.87
CA THR A 31 12.57 -3.13 23.45
C THR A 31 11.66 -3.61 24.57
N HIS A 32 11.20 -4.85 24.47
CA HIS A 32 10.38 -5.47 25.50
C HIS A 32 11.40 -6.06 26.49
N LYS A 33 11.78 -5.26 27.49
CA LYS A 33 12.77 -5.64 28.50
C LYS A 33 12.81 -7.09 28.95
N PRO A 34 11.68 -7.61 29.45
CA PRO A 34 11.57 -9.00 29.94
C PRO A 34 12.03 -10.15 29.00
N THR A 35 11.90 -9.95 27.69
CA THR A 35 12.29 -10.99 26.75
C THR A 35 13.49 -10.58 25.92
N GLY A 36 13.67 -9.27 25.82
CA GLY A 36 14.76 -8.74 25.02
C GLY A 36 14.36 -8.58 23.57
N GLU A 37 13.14 -8.96 23.20
CA GLU A 37 12.73 -8.80 21.81
C GLU A 37 12.57 -7.32 21.43
N ILE A 38 13.04 -6.95 20.24
CA ILE A 38 12.88 -5.57 19.82
C ILE A 38 11.74 -5.59 18.83
N VAL A 39 10.71 -4.80 19.13
CA VAL A 39 9.51 -4.73 18.30
C VAL A 39 9.22 -3.36 17.71
N ALA A 40 8.19 -3.31 16.88
CA ALA A 40 7.78 -2.06 16.30
C ALA A 40 6.43 -1.76 16.95
N ILE A 41 6.23 -0.50 17.34
CA ILE A 41 4.96 -0.13 17.95
C ILE A 41 4.37 1.11 17.28
N LYS A 42 3.16 0.97 16.77
CA LYS A 42 2.52 2.09 16.10
C LYS A 42 1.49 2.74 17.02
N LYS A 43 1.70 4.01 17.35
CA LYS A 43 0.78 4.75 18.18
C LYS A 43 -0.21 5.50 17.31
N ILE A 44 -1.48 5.51 17.72
CA ILE A 44 -2.57 6.23 17.02
C ILE A 44 -3.50 6.91 18.03
N GLU A 45 -3.88 8.15 17.78
CA GLU A 45 -4.82 8.88 18.66
C GLU A 45 -6.08 8.96 17.79
N PRO A 46 -6.88 7.90 17.83
CA PRO A 46 -8.11 7.75 17.05
C PRO A 46 -9.40 8.46 17.44
N PHE A 47 -9.44 9.08 18.62
CA PHE A 47 -10.70 9.64 19.03
C PHE A 47 -11.01 11.13 18.99
N ASP A 48 -10.28 11.89 18.20
CA ASP A 48 -10.62 13.30 18.08
C ASP A 48 -11.62 13.45 16.95
N LYS A 49 -11.57 12.55 15.98
CA LYS A 49 -12.46 12.56 14.82
C LYS A 49 -12.74 11.16 14.28
N PRO A 50 -14.03 10.80 14.14
CA PRO A 50 -14.47 9.49 13.64
C PRO A 50 -13.55 8.92 12.54
N LEU A 51 -13.23 9.76 11.57
CA LEU A 51 -12.37 9.40 10.46
C LEU A 51 -11.10 8.70 10.93
N PHE A 52 -10.47 9.20 11.98
CA PHE A 52 -9.26 8.58 12.52
C PHE A 52 -9.57 7.17 13.08
N ALA A 53 -10.69 7.04 13.79
CA ALA A 53 -11.08 5.79 14.40
C ALA A 53 -11.50 4.75 13.37
N LEU A 54 -12.16 5.19 12.30
CA LEU A 54 -12.55 4.24 11.26
C LEU A 54 -11.27 3.66 10.63
N ARG A 55 -10.28 4.51 10.39
CA ARG A 55 -9.05 4.03 9.77
C ARG A 55 -8.36 3.04 10.71
N THR A 56 -8.29 3.40 11.99
CA THR A 56 -7.68 2.52 12.99
C THR A 56 -8.34 1.14 12.99
N LEU A 57 -9.67 1.13 13.00
CA LEU A 57 -10.44 -0.10 13.02
C LEU A 57 -10.22 -0.93 11.76
N ARG A 58 -10.25 -0.30 10.59
CA ARG A 58 -10.02 -1.03 9.35
C ARG A 58 -8.60 -1.60 9.33
N GLU A 59 -7.60 -0.85 9.80
CA GLU A 59 -6.23 -1.35 9.79
C GLU A 59 -6.05 -2.56 10.72
N ILE A 60 -6.62 -2.48 11.91
CA ILE A 60 -6.50 -3.56 12.87
C ILE A 60 -7.19 -4.83 12.41
N LYS A 61 -8.37 -4.71 11.81
CA LYS A 61 -9.07 -5.90 11.38
C LYS A 61 -8.32 -6.60 10.26
N ILE A 62 -7.77 -5.84 9.33
CA ILE A 62 -7.00 -6.42 8.24
C ILE A 62 -5.75 -7.09 8.82
N LEU A 63 -5.00 -6.38 9.66
CA LEU A 63 -3.80 -6.97 10.23
C LEU A 63 -4.04 -8.32 10.89
N LYS A 64 -5.07 -8.39 11.73
CA LYS A 64 -5.43 -9.61 12.42
C LYS A 64 -5.97 -10.70 11.49
N HIS A 65 -6.51 -10.31 10.35
CA HIS A 65 -7.07 -11.31 9.47
C HIS A 65 -6.09 -12.10 8.63
N PHE A 66 -5.06 -11.44 8.10
CA PHE A 66 -4.11 -12.15 7.26
C PHE A 66 -2.92 -12.75 8.00
N LYS A 67 -2.47 -13.91 7.50
CA LYS A 67 -1.30 -14.61 8.04
C LYS A 67 -0.56 -14.93 6.74
N HIS A 68 0.19 -13.94 6.26
CA HIS A 68 0.89 -14.02 4.99
C HIS A 68 2.32 -13.42 5.07
N GLU A 69 3.29 -14.09 4.48
CA GLU A 69 4.68 -13.63 4.51
C GLU A 69 4.93 -12.20 4.06
N ASN A 70 4.08 -11.68 3.19
CA ASN A 70 4.27 -10.34 2.70
C ASN A 70 3.30 -9.32 3.27
N ILE A 71 2.70 -9.66 4.42
CA ILE A 71 1.80 -8.76 5.12
C ILE A 71 2.34 -8.67 6.54
N ILE A 72 2.79 -7.47 6.91
CA ILE A 72 3.38 -7.25 8.22
C ILE A 72 2.59 -7.95 9.32
N THR A 73 3.31 -8.71 10.14
CA THR A 73 2.73 -9.47 11.25
C THR A 73 2.41 -8.58 12.46
N ILE A 74 1.24 -8.80 13.05
CA ILE A 74 0.88 -8.03 14.24
C ILE A 74 1.05 -8.99 15.41
N PHE A 75 1.83 -8.58 16.41
CA PHE A 75 2.01 -9.44 17.56
C PHE A 75 0.90 -9.29 18.55
N ASN A 76 0.49 -8.05 18.78
CA ASN A 76 -0.53 -7.81 19.76
C ASN A 76 -0.87 -6.33 19.80
N ILE A 77 -1.92 -5.98 20.52
CA ILE A 77 -2.30 -4.58 20.68
C ILE A 77 -2.33 -4.35 22.20
N GLN A 78 -1.81 -3.23 22.66
CA GLN A 78 -1.82 -3.01 24.08
C GLN A 78 -3.23 -2.83 24.62
N ARG A 79 -3.47 -3.40 25.79
CA ARG A 79 -4.77 -3.30 26.43
C ARG A 79 -4.77 -2.15 27.41
N PRO A 80 -5.71 -1.21 27.25
CA PRO A 80 -5.74 -0.09 28.19
C PRO A 80 -6.17 -0.59 29.56
N ASP A 81 -5.82 0.18 30.59
CA ASP A 81 -6.17 -0.17 31.96
C ASP A 81 -7.66 0.07 32.21
N SER A 82 -8.31 0.83 31.33
CA SER A 82 -9.75 1.05 31.45
C SER A 82 -10.34 1.76 30.22
N PHE A 83 -11.65 1.66 30.07
CA PHE A 83 -12.32 2.28 28.96
C PHE A 83 -12.25 3.79 29.09
N GLU A 84 -12.34 4.30 30.31
CA GLU A 84 -12.25 5.74 30.50
C GLU A 84 -10.88 6.26 30.07
N ASN A 85 -9.81 5.56 30.46
CA ASN A 85 -8.44 5.97 30.11
C ASN A 85 -7.93 5.38 28.78
N PHE A 86 -8.84 5.06 27.87
CA PHE A 86 -8.44 4.52 26.57
C PHE A 86 -8.45 5.68 25.59
N ASN A 87 -7.28 6.27 25.36
CA ASN A 87 -7.14 7.43 24.46
C ASN A 87 -6.23 7.21 23.27
N GLU A 88 -5.39 6.18 23.33
CA GLU A 88 -4.49 5.88 22.23
C GLU A 88 -4.47 4.38 22.01
N VAL A 89 -4.20 4.00 20.77
CA VAL A 89 -4.07 2.61 20.39
C VAL A 89 -2.60 2.36 20.04
N TYR A 90 -2.03 1.30 20.60
CA TYR A 90 -0.65 0.92 20.33
C TYR A 90 -0.62 -0.46 19.66
N ILE A 91 -0.34 -0.50 18.36
CA ILE A 91 -0.30 -1.77 17.64
C ILE A 91 1.12 -2.29 17.63
N ILE A 92 1.32 -3.45 18.24
CA ILE A 92 2.66 -4.03 18.32
C ILE A 92 2.90 -5.02 17.21
N GLN A 93 4.01 -4.83 16.50
CA GLN A 93 4.31 -5.70 15.40
C GLN A 93 5.77 -6.07 15.24
N GLU A 94 6.00 -6.98 14.31
CA GLU A 94 7.33 -7.41 14.03
C GLU A 94 8.08 -6.23 13.43
N LEU A 95 9.29 -6.00 13.94
CA LEU A 95 10.11 -4.91 13.48
C LEU A 95 10.86 -5.22 12.19
N MET A 96 10.77 -4.31 11.25
CA MET A 96 11.48 -4.48 10.00
C MET A 96 12.57 -3.43 10.10
N GLN A 97 13.65 -3.60 9.34
CA GLN A 97 14.78 -2.68 9.38
C GLN A 97 14.53 -1.33 8.64
N THR A 98 13.69 -1.33 7.63
CA THR A 98 13.44 -0.07 6.92
C THR A 98 12.24 -0.18 5.94
N ASP A 99 12.02 0.81 5.09
CA ASP A 99 10.95 0.73 4.10
C ASP A 99 11.56 0.92 2.71
N LEU A 100 10.79 0.59 1.67
CA LEU A 100 11.25 0.65 0.29
C LEU A 100 11.55 2.05 -0.24
N HIS A 101 10.87 3.06 0.28
CA HIS A 101 11.18 4.40 -0.16
C HIS A 101 12.63 4.72 0.23
N ARG A 102 12.94 4.46 1.49
CA ARG A 102 14.29 4.71 2.03
C ARG A 102 15.33 3.92 1.23
N VAL A 103 14.97 2.69 0.87
CA VAL A 103 15.87 1.84 0.11
C VAL A 103 16.09 2.39 -1.29
N ILE A 104 15.00 2.69 -1.99
CA ILE A 104 15.17 3.16 -3.36
C ILE A 104 15.95 4.46 -3.40
N SER A 105 15.91 5.22 -2.32
CA SER A 105 16.59 6.48 -2.32
C SER A 105 18.02 6.43 -1.82
N THR A 106 18.40 5.34 -1.15
CA THR A 106 19.75 5.21 -0.62
C THR A 106 20.52 4.05 -1.24
N GLN A 107 19.91 3.31 -2.15
CA GLN A 107 20.60 2.18 -2.74
C GLN A 107 20.41 1.79 -4.18
N MET A 108 21.53 1.38 -4.76
CA MET A 108 21.55 0.95 -6.14
C MET A 108 21.11 -0.49 -6.13
N LEU A 109 19.93 -0.74 -6.70
CA LEU A 109 19.41 -2.08 -6.73
C LEU A 109 19.68 -2.77 -8.05
N SER A 110 20.00 -4.04 -7.99
CA SER A 110 20.26 -4.79 -9.19
C SER A 110 18.90 -5.20 -9.76
N ASP A 111 18.90 -5.73 -10.98
CA ASP A 111 17.66 -6.17 -11.61
C ASP A 111 17.04 -7.31 -10.78
N ASP A 112 17.90 -8.15 -10.23
CA ASP A 112 17.48 -9.25 -9.39
C ASP A 112 16.68 -8.71 -8.18
N HIS A 113 17.22 -7.71 -7.50
CA HIS A 113 16.53 -7.11 -6.36
C HIS A 113 15.15 -6.58 -6.76
N ILE A 114 15.10 -5.84 -7.86
CA ILE A 114 13.85 -5.28 -8.36
C ILE A 114 12.83 -6.38 -8.59
N GLN A 115 13.26 -7.47 -9.21
CA GLN A 115 12.36 -8.59 -9.47
C GLN A 115 11.80 -9.13 -8.16
N TYR A 116 12.70 -9.35 -7.22
CA TYR A 116 12.32 -9.87 -5.92
C TYR A 116 11.40 -8.93 -5.12
N PHE A 117 11.61 -7.62 -5.23
CA PHE A 117 10.78 -6.68 -4.48
C PHE A 117 9.36 -6.54 -5.07
N ILE A 118 9.26 -6.36 -6.37
CA ILE A 118 7.96 -6.23 -7.01
C ILE A 118 7.23 -7.57 -6.94
N TYR A 119 7.98 -8.66 -7.01
CA TYR A 119 7.36 -9.97 -6.90
C TYR A 119 6.61 -10.09 -5.55
N GLN A 120 7.32 -9.79 -4.45
CA GLN A 120 6.72 -9.86 -3.12
C GLN A 120 5.53 -8.90 -2.97
N THR A 121 5.64 -7.69 -3.51
CA THR A 121 4.54 -6.74 -3.44
C THR A 121 3.30 -7.34 -4.11
N LEU A 122 3.45 -7.85 -5.33
CA LEU A 122 2.34 -8.44 -6.06
C LEU A 122 1.81 -9.69 -5.37
N ARG A 123 2.69 -10.38 -4.67
CA ARG A 123 2.28 -11.58 -3.95
C ARG A 123 1.33 -11.17 -2.81
N ALA A 124 1.62 -10.06 -2.11
CA ALA A 124 0.71 -9.62 -1.06
C ALA A 124 -0.57 -9.11 -1.70
N VAL A 125 -0.42 -8.38 -2.80
CA VAL A 125 -1.57 -7.83 -3.50
C VAL A 125 -2.53 -8.90 -3.99
N LYS A 126 -1.99 -10.03 -4.43
CA LYS A 126 -2.83 -11.14 -4.89
C LYS A 126 -3.74 -11.70 -3.79
N VAL A 127 -3.17 -11.90 -2.60
CA VAL A 127 -3.97 -12.48 -1.52
C VAL A 127 -4.99 -11.45 -1.03
N LEU A 128 -4.67 -10.18 -1.21
CA LEU A 128 -5.61 -9.15 -0.79
C LEU A 128 -6.77 -9.15 -1.79
N HIS A 129 -6.46 -9.10 -3.08
CA HIS A 129 -7.51 -9.04 -4.09
C HIS A 129 -8.36 -10.28 -4.12
N GLY A 130 -7.74 -11.41 -3.79
CA GLY A 130 -8.48 -12.66 -3.77
C GLY A 130 -9.43 -12.68 -2.59
N SER A 131 -9.23 -11.78 -1.64
CA SER A 131 -10.09 -11.72 -0.45
C SER A 131 -11.09 -10.58 -0.59
N ASN A 132 -11.09 -9.98 -1.79
CA ASN A 132 -11.96 -8.86 -2.13
C ASN A 132 -11.60 -7.58 -1.38
N VAL A 133 -10.31 -7.47 -1.05
CA VAL A 133 -9.78 -6.31 -0.36
C VAL A 133 -8.82 -5.53 -1.25
N ILE A 134 -8.98 -4.21 -1.32
CA ILE A 134 -8.05 -3.41 -2.08
C ILE A 134 -7.37 -2.49 -1.07
N HIS A 135 -6.06 -2.36 -1.20
CA HIS A 135 -5.25 -1.56 -0.28
C HIS A 135 -5.47 -0.08 -0.49
N ARG A 136 -5.42 0.34 -1.75
CA ARG A 136 -5.63 1.73 -2.15
C ARG A 136 -4.54 2.74 -1.77
N ASP A 137 -3.55 2.32 -1.00
CA ASP A 137 -2.49 3.25 -0.58
C ASP A 137 -1.15 2.62 -0.81
N LEU A 138 -1.02 1.87 -1.89
CA LEU A 138 0.27 1.25 -2.16
C LEU A 138 1.31 2.23 -2.65
N LYS A 139 2.44 2.28 -1.96
CA LYS A 139 3.57 3.12 -2.33
C LYS A 139 4.80 2.61 -1.60
N PRO A 140 6.00 2.99 -2.04
CA PRO A 140 7.25 2.54 -1.42
C PRO A 140 7.32 2.67 0.11
N SER A 141 6.82 3.76 0.68
CA SER A 141 6.95 3.86 2.12
C SER A 141 6.04 2.88 2.88
N ASN A 142 5.08 2.27 2.19
CA ASN A 142 4.21 1.32 2.87
C ASN A 142 4.62 -0.10 2.58
N LEU A 143 5.87 -0.25 2.13
CA LEU A 143 6.44 -1.57 1.86
C LEU A 143 7.65 -1.69 2.77
N LEU A 144 7.50 -2.48 3.83
CA LEU A 144 8.55 -2.70 4.83
C LEU A 144 9.59 -3.71 4.32
N ILE A 145 10.86 -3.44 4.59
CA ILE A 145 11.97 -4.28 4.09
C ILE A 145 13.02 -4.70 5.13
N ASN A 146 13.58 -5.89 4.98
CA ASN A 146 14.67 -6.34 5.87
C ASN A 146 15.92 -6.53 5.03
N SER A 147 17.04 -6.68 5.73
CA SER A 147 18.33 -6.85 5.09
C SER A 147 18.36 -8.03 4.10
N ASN A 148 17.77 -9.14 4.49
CA ASN A 148 17.74 -10.30 3.62
C ASN A 148 16.77 -10.09 2.47
N CYS A 149 16.29 -8.87 2.29
CA CYS A 149 15.37 -8.54 1.20
C CYS A 149 13.89 -8.99 1.30
N ASP A 150 13.47 -9.46 2.47
CA ASP A 150 12.06 -9.86 2.67
C ASP A 150 11.21 -8.57 2.64
N LEU A 151 10.06 -8.60 2.00
CA LEU A 151 9.22 -7.42 1.91
C LEU A 151 7.81 -7.68 2.45
N LYS A 152 7.28 -6.72 3.22
CA LYS A 152 5.94 -6.84 3.76
C LYS A 152 5.15 -5.54 3.65
N VAL A 153 3.91 -5.67 3.18
CA VAL A 153 3.05 -4.51 3.05
C VAL A 153 2.51 -4.08 4.43
N CYS A 154 2.36 -2.77 4.64
CA CYS A 154 1.80 -2.24 5.87
C CYS A 154 0.76 -1.14 5.55
N ASP A 155 0.20 -0.48 6.58
CA ASP A 155 -0.75 0.64 6.41
C ASP A 155 -2.05 0.28 5.64
N PHE A 156 -2.87 -0.56 6.25
CA PHE A 156 -4.11 -1.05 5.67
C PHE A 156 -5.38 -0.33 6.11
N GLY A 157 -5.23 0.86 6.71
CA GLY A 157 -6.38 1.62 7.19
C GLY A 157 -7.28 2.22 6.11
N LEU A 158 -6.70 2.49 4.95
CA LEU A 158 -7.47 3.04 3.83
C LEU A 158 -8.02 1.91 2.95
N ALA A 159 -7.93 0.67 3.40
CA ALA A 159 -8.46 -0.41 2.58
C ALA A 159 -9.98 -0.35 2.46
N ARG A 160 -10.49 -1.11 1.50
CA ARG A 160 -11.90 -1.18 1.25
C ARG A 160 -12.20 -2.56 0.75
N ILE A 161 -13.42 -3.01 1.03
CA ILE A 161 -13.87 -4.32 0.58
C ILE A 161 -14.72 -4.09 -0.67
N ILE A 162 -14.43 -4.82 -1.74
CA ILE A 162 -15.16 -4.64 -3.00
C ILE A 162 -16.63 -5.05 -2.96
N ASP A 163 -17.47 -4.20 -3.56
CA ASP A 163 -18.92 -4.40 -3.72
C ASP A 163 -19.69 -4.71 -2.44
N VAL A 180 -14.85 14.53 3.90
CA VAL A 180 -13.64 14.54 4.71
C VAL A 180 -13.02 13.16 4.82
N GLU A 181 -11.83 12.99 4.26
CA GLU A 181 -11.17 11.70 4.32
C GLU A 181 -9.66 11.78 4.09
N PHE A 182 -8.96 10.68 4.34
CA PHE A 182 -7.52 10.63 4.10
C PHE A 182 -7.35 10.30 2.62
N VAL A 183 -6.54 11.07 1.91
CA VAL A 183 -6.33 10.82 0.49
C VAL A 183 -5.00 10.12 0.18
N ALA A 184 -5.02 9.17 -0.75
CA ALA A 184 -3.78 8.47 -1.13
C ALA A 184 -2.91 9.44 -1.93
N THR A 185 -1.60 9.26 -1.85
CA THR A 185 -0.65 10.13 -2.55
C THR A 185 -0.94 10.12 -4.06
N ARG A 186 -1.26 11.29 -4.61
CA ARG A 186 -1.61 11.40 -6.03
C ARG A 186 -0.64 10.77 -7.01
N TRP A 187 0.64 10.76 -6.66
CA TRP A 187 1.67 10.19 -7.52
C TRP A 187 1.43 8.71 -7.87
N TYR A 188 0.73 7.99 -7.01
CA TYR A 188 0.49 6.56 -7.22
C TYR A 188 -0.96 6.23 -7.52
N ARG A 189 -1.77 7.26 -7.64
CA ARG A 189 -3.21 7.13 -7.90
C ARG A 189 -3.51 6.86 -9.36
N ALA A 190 -4.34 5.85 -9.62
CA ALA A 190 -4.74 5.47 -10.98
C ALA A 190 -5.48 6.63 -11.65
N PRO A 191 -5.31 6.78 -12.96
CA PRO A 191 -6.04 7.91 -13.56
C PRO A 191 -7.58 7.83 -13.49
N GLU A 192 -8.17 6.64 -13.48
CA GLU A 192 -9.63 6.55 -13.44
C GLU A 192 -10.13 7.04 -12.09
N VAL A 193 -9.22 7.09 -11.12
CA VAL A 193 -9.55 7.53 -9.79
C VAL A 193 -9.56 9.06 -9.66
N MET A 194 -8.66 9.72 -10.39
CA MET A 194 -8.63 11.16 -10.33
C MET A 194 -9.70 11.80 -11.19
N LEU A 195 -10.13 11.08 -12.23
CA LEU A 195 -11.15 11.54 -13.16
C LEU A 195 -12.56 11.29 -12.67
N THR A 196 -13.08 10.10 -12.97
CA THR A 196 -14.42 9.71 -12.55
C THR A 196 -14.49 9.57 -11.02
N SER A 197 -15.66 9.16 -10.52
CA SER A 197 -15.88 8.94 -9.09
C SER A 197 -15.68 7.44 -8.89
N ALA A 198 -14.99 6.84 -9.86
CA ALA A 198 -14.67 5.42 -9.95
C ALA A 198 -14.87 4.57 -8.70
N LYS A 199 -15.48 3.40 -8.92
CA LYS A 199 -15.74 2.44 -7.87
C LYS A 199 -14.46 1.66 -7.59
N TYR A 200 -14.16 1.49 -6.30
CA TYR A 200 -12.98 0.76 -5.86
C TYR A 200 -12.77 -0.43 -6.77
N SER A 201 -11.56 -0.61 -7.27
CA SER A 201 -11.26 -1.75 -8.12
C SER A 201 -9.88 -2.28 -7.83
N ARG A 202 -9.67 -3.55 -8.17
CA ARG A 202 -8.39 -4.19 -8.00
C ARG A 202 -7.37 -3.49 -8.90
N ALA A 203 -7.82 -3.06 -10.09
CA ALA A 203 -6.95 -2.41 -11.05
C ALA A 203 -6.25 -1.15 -10.51
N MET A 204 -6.90 -0.44 -9.61
CA MET A 204 -6.26 0.75 -9.09
C MET A 204 -5.00 0.38 -8.28
N ASP A 205 -5.03 -0.76 -7.59
CA ASP A 205 -3.88 -1.22 -6.82
C ASP A 205 -2.77 -1.61 -7.82
N VAL A 206 -3.12 -2.27 -8.91
CA VAL A 206 -2.09 -2.64 -9.88
C VAL A 206 -1.40 -1.43 -10.50
N TRP A 207 -2.18 -0.38 -10.73
CA TRP A 207 -1.65 0.86 -11.28
C TRP A 207 -0.58 1.37 -10.32
N SER A 208 -0.85 1.35 -9.02
CA SER A 208 0.15 1.78 -8.04
C SER A 208 1.39 0.85 -8.09
N CYS A 209 1.17 -0.44 -8.24
CA CYS A 209 2.30 -1.34 -8.32
C CYS A 209 3.17 -1.00 -9.53
N GLY A 210 2.52 -0.53 -10.59
CA GLY A 210 3.26 -0.12 -11.78
C GLY A 210 4.14 1.09 -11.50
N CYS A 211 3.59 2.09 -10.80
CA CYS A 211 4.37 3.28 -10.47
C CYS A 211 5.53 2.88 -9.54
N ILE A 212 5.31 1.90 -8.69
CA ILE A 212 6.34 1.41 -7.78
C ILE A 212 7.45 0.74 -8.60
N LEU A 213 7.08 -0.15 -9.50
CA LEU A 213 8.06 -0.84 -10.34
C LEU A 213 8.86 0.20 -11.13
N ALA A 214 8.15 1.19 -11.65
CA ALA A 214 8.80 2.23 -12.44
C ALA A 214 9.73 2.99 -11.54
N GLU A 215 9.32 3.17 -10.28
CA GLU A 215 10.15 3.92 -9.36
C GLU A 215 11.42 3.16 -9.06
N LEU A 216 11.33 1.83 -9.08
CA LEU A 216 12.51 1.01 -8.84
C LEU A 216 13.49 1.09 -10.01
N PHE A 217 12.98 1.17 -11.26
CA PHE A 217 13.87 1.26 -12.42
C PHE A 217 14.52 2.66 -12.49
N LEU A 218 13.75 3.70 -12.21
CA LEU A 218 14.20 5.09 -12.27
C LEU A 218 14.87 5.69 -11.04
N ARG A 219 14.57 5.14 -9.87
CA ARG A 219 15.15 5.63 -8.63
C ARG A 219 14.56 6.98 -8.26
N ARG A 220 13.35 7.23 -8.77
CA ARG A 220 12.59 8.46 -8.49
C ARG A 220 11.18 8.19 -8.99
N PRO A 221 10.18 8.89 -8.43
CA PRO A 221 8.77 8.73 -8.82
C PRO A 221 8.56 8.95 -10.31
N ILE A 222 7.85 8.06 -10.96
CA ILE A 222 7.63 8.24 -12.39
C ILE A 222 6.59 9.32 -12.69
N PHE A 223 5.66 9.56 -11.77
CA PHE A 223 4.62 10.58 -12.00
C PHE A 223 4.43 11.56 -10.83
N PRO A 224 5.42 12.44 -10.58
CA PRO A 224 5.30 13.39 -9.45
C PRO A 224 4.51 14.65 -9.77
N GLY A 225 3.21 14.53 -9.93
CA GLY A 225 2.46 15.74 -10.21
C GLY A 225 2.42 16.74 -9.05
N ARG A 226 2.23 18.01 -9.40
CA ARG A 226 2.10 19.11 -8.45
C ARG A 226 0.69 19.07 -7.88
N ASP A 227 -0.25 18.76 -8.75
CA ASP A 227 -1.64 18.68 -8.40
C ASP A 227 -2.37 17.79 -9.37
N TYR A 228 -3.70 17.87 -9.35
CA TYR A 228 -4.55 17.07 -10.20
C TYR A 228 -4.28 17.18 -11.72
N ARG A 229 -4.25 18.41 -12.24
CA ARG A 229 -4.03 18.61 -13.68
C ARG A 229 -2.67 18.10 -14.12
N HIS A 230 -1.63 18.54 -13.42
CA HIS A 230 -0.24 18.14 -13.68
C HIS A 230 -0.10 16.62 -13.64
N GLN A 231 -0.74 15.98 -12.67
CA GLN A 231 -0.69 14.53 -12.57
C GLN A 231 -1.16 13.86 -13.87
N LEU A 232 -2.34 14.26 -14.35
CA LEU A 232 -2.90 13.70 -15.56
C LEU A 232 -2.01 13.93 -16.75
N LEU A 233 -1.43 15.13 -16.78
CA LEU A 233 -0.54 15.51 -17.87
C LEU A 233 0.70 14.62 -17.85
N LEU A 234 1.21 14.29 -16.67
CA LEU A 234 2.41 13.48 -16.60
C LEU A 234 2.07 12.04 -17.00
N ILE A 235 0.97 11.52 -16.50
CA ILE A 235 0.57 10.16 -16.83
C ILE A 235 0.38 9.97 -18.34
N PHE A 236 -0.43 10.81 -18.95
CA PHE A 236 -0.67 10.63 -20.38
C PHE A 236 0.58 10.89 -21.19
N GLY A 237 1.41 11.81 -20.73
CA GLY A 237 2.66 12.05 -21.45
C GLY A 237 3.47 10.75 -21.61
N ILE A 238 3.24 9.76 -20.75
CA ILE A 238 3.97 8.51 -20.85
C ILE A 238 3.11 7.39 -21.46
N ILE A 239 1.86 7.25 -21.01
CA ILE A 239 1.04 6.18 -21.54
C ILE A 239 0.23 6.52 -22.78
N GLY A 240 0.28 7.78 -23.21
CA GLY A 240 -0.45 8.17 -24.38
C GLY A 240 -1.84 8.63 -24.02
N THR A 241 -2.31 9.67 -24.70
CA THR A 241 -3.64 10.21 -24.42
C THR A 241 -4.79 9.38 -25.02
N PRO A 242 -5.76 9.00 -24.19
CA PRO A 242 -6.90 8.23 -24.71
C PRO A 242 -7.65 9.20 -25.63
N HIS A 243 -7.96 8.76 -26.85
CA HIS A 243 -8.59 9.60 -27.84
C HIS A 243 -9.98 9.23 -28.35
N SER A 244 -10.13 8.00 -28.85
CA SER A 244 -11.42 7.53 -29.38
C SER A 244 -12.41 7.18 -28.28
N ASP A 245 -13.67 6.93 -28.65
CA ASP A 245 -14.71 6.57 -27.67
C ASP A 245 -14.49 5.18 -27.07
N ASN A 246 -13.77 4.34 -27.82
CA ASN A 246 -13.44 2.99 -27.38
C ASN A 246 -12.53 3.17 -26.15
N ASP A 247 -11.58 4.09 -26.28
CA ASP A 247 -10.64 4.39 -25.21
C ASP A 247 -11.32 5.04 -24.00
N LEU A 248 -12.34 5.86 -24.25
CA LEU A 248 -13.06 6.58 -23.18
C LEU A 248 -14.26 5.88 -22.59
N ARG A 249 -14.50 4.64 -22.99
CA ARG A 249 -15.63 3.89 -22.46
C ARG A 249 -15.55 3.82 -20.92
N CYS A 250 -14.38 3.46 -20.41
CA CYS A 250 -14.20 3.33 -18.96
C CYS A 250 -14.46 4.59 -18.14
N ILE A 251 -14.63 5.74 -18.79
CA ILE A 251 -14.88 6.97 -18.04
C ILE A 251 -16.35 7.36 -18.07
N GLU A 252 -16.97 7.48 -16.90
CA GLU A 252 -18.38 7.85 -16.82
C GLU A 252 -18.57 9.37 -16.87
N SER A 253 -18.18 10.03 -15.79
CA SER A 253 -18.28 11.48 -15.65
C SER A 253 -18.09 12.23 -16.96
N PRO A 254 -19.17 12.73 -17.57
CA PRO A 254 -19.06 13.47 -18.84
C PRO A 254 -18.09 14.63 -18.73
N ARG A 255 -18.10 15.30 -17.59
CA ARG A 255 -17.19 16.42 -17.37
C ARG A 255 -15.78 15.86 -17.59
N ALA A 256 -15.53 14.71 -16.96
CA ALA A 256 -14.24 14.04 -17.06
C ALA A 256 -13.82 13.73 -18.49
N ARG A 257 -14.75 13.25 -19.32
CA ARG A 257 -14.43 12.94 -20.71
C ARG A 257 -14.03 14.19 -21.53
N GLU A 258 -14.67 15.32 -21.23
CA GLU A 258 -14.36 16.55 -21.94
C GLU A 258 -12.98 17.10 -21.53
N TYR A 259 -12.63 16.93 -20.24
CA TYR A 259 -11.34 17.41 -19.76
C TYR A 259 -10.21 16.65 -20.49
N ILE A 260 -10.38 15.34 -20.62
CA ILE A 260 -9.44 14.45 -21.30
C ILE A 260 -9.30 14.84 -22.78
N LYS A 261 -10.40 15.25 -23.40
CA LYS A 261 -10.28 15.62 -24.80
C LYS A 261 -9.59 16.96 -24.97
N SER A 262 -9.33 17.66 -23.86
CA SER A 262 -8.67 18.95 -23.95
C SER A 262 -7.14 18.82 -23.80
N LEU A 263 -6.67 17.63 -23.46
CA LEU A 263 -5.23 17.41 -23.29
C LEU A 263 -4.46 17.32 -24.59
N PRO A 264 -3.14 17.49 -24.53
CA PRO A 264 -2.36 17.37 -25.77
C PRO A 264 -2.58 15.89 -26.19
N MET A 265 -2.49 15.58 -27.47
CA MET A 265 -2.69 14.22 -27.94
C MET A 265 -1.33 13.48 -27.93
N TYR A 266 -1.03 12.84 -26.81
CA TYR A 266 0.23 12.10 -26.65
C TYR A 266 0.18 10.66 -27.12
N PRO A 267 1.26 10.19 -27.77
CA PRO A 267 1.31 8.79 -28.23
C PRO A 267 1.91 8.10 -27.01
N ALA A 268 1.92 6.77 -26.98
CA ALA A 268 2.53 6.07 -25.86
C ALA A 268 4.05 6.32 -25.97
N ALA A 269 4.68 6.76 -24.90
CA ALA A 269 6.12 6.99 -24.97
C ALA A 269 6.80 5.62 -25.11
N PRO A 270 7.90 5.55 -25.87
CA PRO A 270 8.64 4.29 -26.06
C PRO A 270 9.60 4.08 -24.89
N LEU A 271 9.09 3.38 -23.90
CA LEU A 271 9.82 3.08 -22.68
C LEU A 271 11.20 2.46 -22.84
N GLU A 272 11.30 1.45 -23.70
CA GLU A 272 12.57 0.77 -23.91
C GLU A 272 13.63 1.69 -24.52
N LYS A 273 13.23 2.71 -25.26
CA LYS A 273 14.21 3.64 -25.83
C LYS A 273 14.63 4.59 -24.72
N MET A 274 13.64 5.19 -24.05
CA MET A 274 13.92 6.12 -22.98
C MET A 274 14.82 5.50 -21.89
N PHE A 275 14.65 4.21 -21.61
CA PHE A 275 15.45 3.55 -20.56
C PHE A 275 16.02 2.23 -21.06
N PRO A 276 16.94 2.32 -22.03
CA PRO A 276 17.62 1.20 -22.67
C PRO A 276 18.32 0.17 -21.82
N ARG A 277 18.69 0.54 -20.59
CA ARG A 277 19.41 -0.40 -19.73
C ARG A 277 18.57 -1.23 -18.76
N VAL A 278 17.26 -1.01 -18.77
CA VAL A 278 16.37 -1.80 -17.92
C VAL A 278 16.03 -3.09 -18.67
N ASN A 279 15.93 -4.19 -17.93
CA ASN A 279 15.59 -5.50 -18.48
C ASN A 279 14.34 -5.26 -19.32
N PRO A 280 14.36 -5.69 -20.60
CA PRO A 280 13.21 -5.52 -21.50
C PRO A 280 11.96 -6.22 -20.96
N LYS A 281 12.15 -7.36 -20.31
CA LYS A 281 11.02 -8.08 -19.72
C LYS A 281 10.36 -7.22 -18.63
N GLY A 282 11.19 -6.44 -17.93
CA GLY A 282 10.70 -5.57 -16.89
C GLY A 282 9.86 -4.43 -17.42
N ILE A 283 10.29 -3.84 -18.54
CA ILE A 283 9.56 -2.75 -19.19
C ILE A 283 8.21 -3.30 -19.68
N ASP A 284 8.23 -4.53 -20.17
CA ASP A 284 7.02 -5.18 -20.66
C ASP A 284 6.00 -5.28 -19.52
N LEU A 285 6.42 -5.86 -18.39
CA LEU A 285 5.52 -5.98 -17.26
C LEU A 285 5.00 -4.59 -16.88
N LEU A 286 5.91 -3.63 -16.71
CA LEU A 286 5.53 -2.27 -16.36
C LEU A 286 4.45 -1.67 -17.28
N GLN A 287 4.64 -1.82 -18.60
CA GLN A 287 3.67 -1.29 -19.57
C GLN A 287 2.29 -1.94 -19.42
N ARG A 288 2.26 -3.21 -19.06
CA ARG A 288 0.98 -3.90 -18.87
C ARG A 288 0.31 -3.43 -17.60
N MET A 289 1.10 -2.87 -16.69
CA MET A 289 0.55 -2.38 -15.44
C MET A 289 -0.01 -0.97 -15.58
N LEU A 290 0.65 -0.15 -16.39
CA LEU A 290 0.21 1.24 -16.57
C LEU A 290 -0.69 1.47 -17.80
N VAL A 291 -1.77 0.69 -17.88
CA VAL A 291 -2.71 0.79 -18.97
C VAL A 291 -3.87 1.68 -18.54
N PHE A 292 -4.33 2.55 -19.43
CA PHE A 292 -5.41 3.43 -19.09
C PHE A 292 -6.68 2.70 -18.70
N ASP A 293 -7.15 1.84 -19.60
CA ASP A 293 -8.37 1.08 -19.35
C ASP A 293 -8.17 0.06 -18.23
N PRO A 294 -8.80 0.27 -17.07
CA PRO A 294 -8.65 -0.66 -15.94
C PRO A 294 -9.01 -2.10 -16.27
N ALA A 295 -9.92 -2.31 -17.24
CA ALA A 295 -10.31 -3.66 -17.62
C ALA A 295 -9.22 -4.35 -18.43
N LYS A 296 -8.30 -3.58 -19.01
CA LYS A 296 -7.23 -4.20 -19.79
C LYS A 296 -5.89 -4.23 -19.04
N ARG A 297 -5.90 -3.75 -17.79
CA ARG A 297 -4.71 -3.72 -16.97
C ARG A 297 -4.45 -5.11 -16.39
N ILE A 298 -3.20 -5.58 -16.46
CA ILE A 298 -2.86 -6.89 -15.94
C ILE A 298 -3.30 -7.05 -14.47
N THR A 299 -3.59 -8.29 -14.07
CA THR A 299 -3.99 -8.56 -12.70
C THR A 299 -2.76 -8.96 -11.88
N ALA A 300 -2.89 -8.94 -10.56
CA ALA A 300 -1.75 -9.29 -9.73
C ALA A 300 -1.31 -10.72 -10.05
N LYS A 301 -2.28 -11.61 -10.17
CA LYS A 301 -2.00 -12.99 -10.48
C LYS A 301 -1.23 -13.16 -11.81
N GLU A 302 -1.69 -12.49 -12.88
CA GLU A 302 -1.03 -12.60 -14.19
C GLU A 302 0.36 -11.98 -14.12
N ALA A 303 0.50 -10.92 -13.34
CA ALA A 303 1.80 -10.27 -13.21
C ALA A 303 2.79 -11.24 -12.59
N LEU A 304 2.33 -12.06 -11.64
CA LEU A 304 3.22 -13.04 -11.00
C LEU A 304 3.63 -14.12 -12.01
N GLU A 305 2.83 -14.28 -13.07
CA GLU A 305 3.08 -15.25 -14.12
C GLU A 305 3.87 -14.66 -15.30
N HIS A 306 4.21 -13.37 -15.20
CA HIS A 306 4.94 -12.74 -16.27
C HIS A 306 6.39 -13.24 -16.30
N PRO A 307 6.97 -13.34 -17.51
CA PRO A 307 8.34 -13.80 -17.70
C PRO A 307 9.39 -13.09 -16.83
N TYR A 308 9.21 -11.79 -16.59
CA TYR A 308 10.13 -11.01 -15.78
C TYR A 308 10.29 -11.53 -14.35
N LEU A 309 9.31 -12.26 -13.89
CA LEU A 309 9.38 -12.80 -12.54
C LEU A 309 9.50 -14.33 -12.47
N GLN A 310 9.76 -14.98 -13.60
CA GLN A 310 9.89 -16.44 -13.58
C GLN A 310 10.93 -16.97 -12.59
N THR A 311 11.91 -16.15 -12.23
CA THR A 311 12.91 -16.59 -11.26
C THR A 311 12.30 -16.83 -9.88
N TYR A 312 11.28 -16.05 -9.52
CA TYR A 312 10.64 -16.21 -8.22
C TYR A 312 9.20 -16.74 -8.27
N HIS A 313 8.63 -16.88 -9.46
CA HIS A 313 7.26 -17.38 -9.59
C HIS A 313 7.12 -18.84 -9.18
N ASP A 314 6.07 -19.15 -8.42
CA ASP A 314 5.78 -20.52 -7.99
C ASP A 314 4.26 -20.60 -7.81
N PRO A 315 3.56 -21.13 -8.82
CA PRO A 315 2.10 -21.26 -8.77
C PRO A 315 1.52 -22.01 -7.57
N ASN A 316 2.33 -22.77 -6.85
CA ASN A 316 1.81 -23.51 -5.68
C ASN A 316 2.12 -22.82 -4.36
N ASP A 317 2.75 -21.66 -4.45
CA ASP A 317 3.07 -20.90 -3.26
C ASP A 317 2.68 -19.45 -3.41
N GLU A 318 1.48 -19.22 -3.94
CA GLU A 318 0.99 -17.87 -4.12
C GLU A 318 -0.46 -17.78 -3.69
N PRO A 319 -0.66 -17.71 -2.38
CA PRO A 319 -1.95 -17.62 -1.70
C PRO A 319 -2.93 -16.76 -2.48
N GLU A 320 -4.09 -17.31 -2.78
CA GLU A 320 -5.14 -16.59 -3.49
C GLU A 320 -6.10 -15.92 -2.52
N GLY A 321 -6.11 -16.40 -1.28
CA GLY A 321 -6.99 -15.85 -0.27
C GLY A 321 -8.41 -16.35 -0.36
N GLU A 322 -9.26 -15.84 0.50
CA GLU A 322 -10.65 -16.25 0.52
C GLU A 322 -11.55 -15.04 0.77
N PRO A 323 -12.68 -14.94 0.04
CA PRO A 323 -13.62 -13.81 0.18
C PRO A 323 -13.97 -13.34 1.58
N ILE A 324 -13.96 -12.01 1.73
CA ILE A 324 -14.33 -11.33 2.97
C ILE A 324 -15.59 -10.49 2.61
N PRO A 325 -16.71 -10.73 3.28
CA PRO A 325 -17.94 -9.97 2.97
C PRO A 325 -17.83 -8.51 3.41
N PRO A 326 -18.55 -7.60 2.73
CA PRO A 326 -18.55 -6.17 3.04
C PRO A 326 -18.88 -5.88 4.50
N SER A 327 -19.70 -6.73 5.11
CA SER A 327 -20.06 -6.50 6.51
C SER A 327 -18.83 -6.51 7.43
N PHE A 328 -17.70 -7.02 6.94
CA PHE A 328 -16.45 -7.05 7.70
C PHE A 328 -16.19 -5.57 8.11
N PHE A 329 -16.47 -4.63 7.21
CA PHE A 329 -16.31 -3.19 7.50
C PHE A 329 -17.72 -2.57 7.62
N GLU A 330 -18.62 -3.31 8.25
CA GLU A 330 -20.00 -2.94 8.52
C GLU A 330 -20.16 -1.50 9.01
N PHE A 331 -19.28 -1.08 9.91
CA PHE A 331 -19.29 0.27 10.50
C PHE A 331 -19.17 1.40 9.47
N ASP A 332 -18.70 1.07 8.27
CA ASP A 332 -18.55 2.05 7.20
C ASP A 332 -19.90 2.26 6.48
N HIS A 333 -20.93 1.53 6.89
CA HIS A 333 -22.20 1.66 6.19
C HIS A 333 -23.43 2.03 7.00
N TYR A 334 -23.34 3.08 7.78
CA TYR A 334 -24.49 3.48 8.57
C TYR A 334 -25.21 4.67 7.99
N LYS A 335 -26.54 4.60 7.98
CA LYS A 335 -27.34 5.71 7.49
C LYS A 335 -26.97 6.88 8.40
N GLU A 336 -27.08 6.64 9.70
CA GLU A 336 -26.71 7.62 10.71
C GLU A 336 -25.27 7.25 11.10
N ALA A 337 -24.33 8.14 10.77
CA ALA A 337 -22.91 7.91 11.04
C ALA A 337 -22.66 7.52 12.49
N LEU A 338 -21.69 6.62 12.70
CA LEU A 338 -21.34 6.18 14.04
C LEU A 338 -20.64 7.28 14.81
N THR A 339 -20.87 7.29 16.13
CA THR A 339 -20.24 8.29 16.97
C THR A 339 -18.86 7.79 17.37
N THR A 340 -18.08 8.72 17.89
CA THR A 340 -16.74 8.42 18.35
C THR A 340 -16.87 7.28 19.34
N LYS A 341 -17.83 7.42 20.26
CA LYS A 341 -18.03 6.42 21.30
C LYS A 341 -18.37 5.03 20.75
N ASP A 342 -19.11 4.98 19.63
CA ASP A 342 -19.46 3.71 19.01
C ASP A 342 -18.20 3.03 18.52
N LEU A 343 -17.35 3.81 17.86
CA LEU A 343 -16.13 3.26 17.32
C LEU A 343 -15.13 2.86 18.39
N LYS A 344 -15.14 3.60 19.49
CA LYS A 344 -14.25 3.27 20.58
C LYS A 344 -14.60 1.85 21.06
N LYS A 345 -15.89 1.55 21.19
CA LYS A 345 -16.29 0.23 21.62
C LYS A 345 -15.92 -0.82 20.60
N LEU A 346 -16.11 -0.52 19.31
CA LEU A 346 -15.77 -1.47 18.28
C LEU A 346 -14.25 -1.73 18.30
N ILE A 347 -13.44 -0.70 18.52
CA ILE A 347 -11.98 -0.89 18.54
C ILE A 347 -11.61 -1.72 19.78
N TRP A 348 -12.24 -1.40 20.91
CA TRP A 348 -12.00 -2.15 22.14
C TRP A 348 -12.30 -3.63 21.92
N ASN A 349 -13.43 -3.96 21.30
CA ASN A 349 -13.78 -5.36 21.02
C ASN A 349 -12.63 -6.05 20.29
N GLU A 350 -12.10 -5.35 19.29
CA GLU A 350 -10.99 -5.85 18.48
C GLU A 350 -9.75 -6.10 19.33
N ILE A 351 -9.45 -5.18 20.23
CA ILE A 351 -8.27 -5.33 21.06
C ILE A 351 -8.36 -6.54 21.98
N PHE A 352 -9.49 -6.66 22.67
CA PHE A 352 -9.69 -7.76 23.60
C PHE A 352 -10.20 -9.06 22.96
N SER A 353 -10.03 -9.22 21.66
CA SER A 353 -10.45 -10.46 20.99
C SER A 353 -9.30 -11.08 20.22
N LYS B 2 17.18 -19.51 1.35
CA LYS B 2 15.70 -19.59 1.41
C LYS B 2 15.13 -20.45 0.27
N ARG B 3 14.17 -19.91 -0.46
CA ARG B 3 13.55 -20.68 -1.55
C ARG B 3 14.22 -20.54 -2.95
N GLY B 4 15.54 -20.71 -2.97
CA GLY B 4 16.22 -20.65 -4.25
C GLY B 4 17.18 -19.51 -4.39
N ASN B 5 17.34 -19.05 -5.62
CA ASN B 5 18.26 -17.95 -5.96
C ASN B 5 17.80 -16.62 -5.36
N ILE B 6 17.95 -16.47 -4.05
CA ILE B 6 17.60 -15.25 -3.33
C ILE B 6 18.65 -14.18 -3.61
N PRO B 7 18.21 -12.94 -3.88
CA PRO B 7 19.12 -11.82 -4.19
C PRO B 7 20.13 -11.56 -3.07
N LYS B 8 21.25 -10.93 -3.43
CA LYS B 8 22.29 -10.63 -2.44
C LYS B 8 21.70 -9.75 -1.36
N PRO B 9 22.11 -9.95 -0.12
CA PRO B 9 21.59 -9.12 0.97
C PRO B 9 22.05 -7.67 0.88
N LEU B 10 21.21 -6.77 1.38
CA LEU B 10 21.53 -5.35 1.36
C LEU B 10 22.23 -4.96 2.64
N ASN B 11 22.84 -3.78 2.59
CA ASN B 11 23.50 -3.23 3.75
C ASN B 11 22.64 -2.08 4.27
N LEU B 12 21.70 -2.41 5.16
CA LEU B 12 20.78 -1.42 5.74
C LEU B 12 20.93 -1.29 7.26
#